data_8ZVG
#
_entry.id   8ZVG
#
_cell.length_a   64.932
_cell.length_b   64.932
_cell.length_c   115.958
_cell.angle_alpha   90.00
_cell.angle_beta   90.00
_cell.angle_gamma   90.00
#
_symmetry.space_group_name_H-M   'P 41'
#
loop_
_entity.id
_entity.type
_entity.pdbx_description
1 polymer AetD
2 non-polymer 'FE (II) ION'
3 non-polymer TYROSINE
4 non-polymer 'NICKEL (II) ION'
5 water water
#
_entity_poly.entity_id   1
_entity_poly.type   'polypeptide(L)'
_entity_poly.pdbx_seq_one_letter_code
;GAGAGAGAGAGMKAILQLILEKRQEFEKLPCFEFVRDETISPEERLILYPCIAAFALNFRDLNRYDYRDDNSSDYYQKII
NIHTQEDAKHWEWFLNDLELLGFDKTMRFSEALRFVWSDDLLHTRRLCHNIAVLSHDLEPVMKMVVIEAMETAGLVIFHA
LAKPGESIAKATRRKYLYVADSHVEVETGHAVGTENIITILEQTQLSSEQEEKAKEIVNKVFQWSTNLIGEFERYVKAHR
SEKAQPTAAY
;
_entity_poly.pdbx_strand_id   A,B
#
loop_
_chem_comp.id
_chem_comp.type
_chem_comp.name
_chem_comp.formula
FE2 non-polymer 'FE (II) ION' 'Fe 2'
NI non-polymer 'NICKEL (II) ION' 'Ni 2'
#
# COMPACT_ATOMS: atom_id res chain seq x y z
N ALA A 10 -21.80 28.64 -10.86
CA ALA A 10 -22.64 27.53 -11.40
C ALA A 10 -21.85 26.21 -11.36
N GLY A 11 -20.56 26.25 -11.69
CA GLY A 11 -19.63 25.10 -11.69
C GLY A 11 -19.56 24.41 -10.33
N MET A 12 -18.87 25.02 -9.36
CA MET A 12 -18.78 24.52 -7.96
C MET A 12 -20.15 23.98 -7.51
N LYS A 13 -21.24 24.70 -7.77
CA LYS A 13 -22.62 24.31 -7.32
C LYS A 13 -22.98 22.94 -7.94
N ALA A 14 -22.60 22.70 -9.19
CA ALA A 14 -22.87 21.43 -9.91
C ALA A 14 -22.13 20.27 -9.23
N ILE A 15 -20.88 20.51 -8.82
CA ILE A 15 -19.98 19.48 -8.22
C ILE A 15 -20.58 19.03 -6.88
N LEU A 16 -20.86 19.99 -5.99
CA LEU A 16 -21.50 19.72 -4.68
C LEU A 16 -22.78 18.93 -4.90
N GLN A 17 -23.53 19.21 -5.98
CA GLN A 17 -24.76 18.47 -6.35
C GLN A 17 -24.38 17.05 -6.81
N LEU A 18 -23.33 16.91 -7.61
CA LEU A 18 -22.86 15.58 -8.11
C LEU A 18 -22.55 14.68 -6.89
N ILE A 19 -21.83 15.22 -5.90
CA ILE A 19 -21.49 14.46 -4.65
C ILE A 19 -22.79 13.96 -4.00
N LEU A 20 -23.78 14.85 -3.85
CA LEU A 20 -25.09 14.54 -3.20
C LEU A 20 -25.73 13.37 -3.94
N GLU A 21 -25.79 13.43 -5.28
CA GLU A 21 -26.41 12.39 -6.15
C GLU A 21 -25.65 11.07 -5.98
N LYS A 22 -24.32 11.12 -6.04
CA LYS A 22 -23.47 9.91 -5.84
C LYS A 22 -23.65 9.38 -4.42
N ARG A 23 -23.71 10.26 -3.41
CA ARG A 23 -23.99 9.83 -2.02
C ARG A 23 -25.31 9.07 -1.97
N GLN A 24 -26.35 9.61 -2.63
CA GLN A 24 -27.71 8.99 -2.66
C GLN A 24 -27.67 7.60 -3.31
N GLU A 25 -26.96 7.41 -4.43
CA GLU A 25 -26.74 6.03 -4.97
C GLU A 25 -25.97 5.22 -3.92
N PHE A 26 -24.86 5.79 -3.44
CA PHE A 26 -23.89 5.05 -2.57
C PHE A 26 -24.61 4.54 -1.33
N GLU A 27 -25.43 5.37 -0.68
CA GLU A 27 -26.05 4.94 0.61
C GLU A 27 -27.07 3.83 0.41
N LYS A 28 -27.49 3.52 -0.84
CA LYS A 28 -28.49 2.47 -1.16
C LYS A 28 -27.85 1.12 -1.48
N LEU A 29 -26.54 0.94 -1.33
CA LEU A 29 -25.87 -0.33 -1.75
C LEU A 29 -26.33 -1.48 -0.87
N PRO A 30 -26.39 -2.71 -1.41
CA PRO A 30 -26.84 -3.85 -0.61
C PRO A 30 -26.07 -4.01 0.69
N CYS A 31 -24.76 -3.75 0.68
CA CYS A 31 -23.91 -3.89 1.88
C CYS A 31 -24.54 -3.12 3.05
N PHE A 32 -24.92 -1.87 2.82
CA PHE A 32 -25.45 -0.93 3.83
C PHE A 32 -26.88 -1.34 4.24
N GLU A 33 -27.65 -1.89 3.29
CA GLU A 33 -28.99 -2.46 3.58
C GLU A 33 -28.80 -3.59 4.59
N PHE A 34 -27.80 -4.43 4.37
CA PHE A 34 -27.43 -5.55 5.27
C PHE A 34 -27.01 -4.98 6.62
N VAL A 35 -26.06 -4.04 6.62
CA VAL A 35 -25.45 -3.47 7.85
C VAL A 35 -26.54 -2.80 8.73
N ARG A 36 -27.53 -2.20 8.08
CA ARG A 36 -28.63 -1.45 8.73
C ARG A 36 -29.72 -2.39 9.24
N ASP A 37 -29.66 -3.70 8.93
CA ASP A 37 -30.83 -4.60 9.08
C ASP A 37 -30.87 -5.10 10.53
N GLU A 38 -31.74 -4.50 11.35
CA GLU A 38 -31.75 -4.78 12.80
C GLU A 38 -32.37 -6.16 13.08
N THR A 39 -32.91 -6.86 12.08
CA THR A 39 -33.46 -8.23 12.25
C THR A 39 -32.33 -9.25 12.21
N ILE A 40 -31.12 -8.85 11.83
CA ILE A 40 -29.89 -9.71 11.87
C ILE A 40 -29.03 -9.25 13.06
N SER A 41 -28.42 -10.19 13.80
CA SER A 41 -27.53 -9.86 14.93
C SER A 41 -26.50 -8.84 14.46
N PRO A 42 -26.14 -7.85 15.30
CA PRO A 42 -25.08 -6.91 14.97
C PRO A 42 -23.71 -7.63 14.85
N GLU A 43 -23.58 -8.78 15.51
CA GLU A 43 -22.33 -9.58 15.51
C GLU A 43 -22.14 -10.16 14.11
N GLU A 44 -23.24 -10.54 13.44
CA GLU A 44 -23.22 -11.02 12.04
C GLU A 44 -23.04 -9.82 11.09
N ARG A 45 -23.63 -8.68 11.40
CA ARG A 45 -23.57 -7.52 10.47
C ARG A 45 -22.13 -6.95 10.46
N LEU A 46 -21.35 -7.13 11.53
CA LEU A 46 -19.93 -6.66 11.58
C LEU A 46 -18.96 -7.80 11.20
N ILE A 47 -19.40 -8.85 10.52
CA ILE A 47 -18.45 -9.92 10.06
C ILE A 47 -17.47 -9.33 9.03
N LEU A 48 -17.82 -8.24 8.34
CA LEU A 48 -16.91 -7.55 7.37
C LEU A 48 -15.86 -6.69 8.08
N TYR A 49 -15.86 -6.62 9.41
CA TYR A 49 -15.00 -5.65 10.15
C TYR A 49 -13.53 -5.85 9.78
N PRO A 50 -12.99 -7.08 9.84
CA PRO A 50 -11.55 -7.24 9.61
C PRO A 50 -11.14 -6.78 8.20
N CYS A 51 -12.05 -6.83 7.22
CA CYS A 51 -11.79 -6.32 5.84
C CYS A 51 -11.27 -4.87 5.87
N ILE A 52 -11.64 -4.07 6.88
CA ILE A 52 -11.28 -2.63 6.90
C ILE A 52 -9.77 -2.50 7.14
N ALA A 53 -9.14 -3.51 7.73
CA ALA A 53 -7.73 -3.46 8.17
C ALA A 53 -6.89 -2.64 7.17
N ALA A 54 -6.70 -3.18 5.97
CA ALA A 54 -5.87 -2.59 4.91
C ALA A 54 -6.30 -1.13 4.71
N PHE A 55 -7.60 -0.93 4.60
CA PHE A 55 -8.09 0.40 4.19
C PHE A 55 -7.72 1.39 5.31
N ALA A 56 -7.96 1.04 6.57
CA ALA A 56 -7.86 2.00 7.69
C ALA A 56 -6.41 2.50 7.81
N LEU A 57 -5.43 1.63 7.69
CA LEU A 57 -4.04 2.09 7.91
C LEU A 57 -3.49 2.71 6.63
N ASN A 58 -3.95 2.32 5.45
CA ASN A 58 -3.59 3.02 4.19
C ASN A 58 -4.20 4.41 4.19
N PHE A 59 -5.37 4.56 4.84
CA PHE A 59 -6.03 5.88 4.92
C PHE A 59 -5.18 6.81 5.79
N ARG A 60 -4.69 6.29 6.90
CA ARG A 60 -3.75 7.02 7.80
C ARG A 60 -2.60 7.55 6.97
N ASP A 61 -1.97 6.68 6.18
CA ASP A 61 -0.77 6.95 5.35
C ASP A 61 -1.14 7.96 4.26
N LEU A 62 -2.32 7.83 3.65
CA LEU A 62 -2.75 8.82 2.63
C LEU A 62 -2.72 10.23 3.27
N ASN A 63 -3.30 10.36 4.45
CA ASN A 63 -3.40 11.64 5.20
C ASN A 63 -2.00 12.12 5.61
N ARG A 64 -1.19 11.25 6.22
CA ARG A 64 0.17 11.61 6.70
C ARG A 64 1.09 12.04 5.56
N TYR A 65 1.10 11.33 4.42
CA TYR A 65 2.21 11.43 3.44
C TYR A 65 1.76 11.93 2.07
N ASP A 66 0.48 11.91 1.75
CA ASP A 66 -0.02 12.34 0.42
C ASP A 66 -0.82 13.63 0.55
N TYR A 67 -1.84 13.66 1.40
CA TYR A 67 -2.73 14.84 1.55
C TYR A 67 -1.90 16.01 2.12
N ARG A 68 -1.19 15.76 3.23
CA ARG A 68 -0.50 16.77 4.09
C ARG A 68 0.72 17.32 3.35
N ASP A 69 0.93 18.64 3.42
CA ASP A 69 2.20 19.31 3.03
C ASP A 69 2.43 20.46 3.99
N ASP A 70 3.22 20.24 5.05
CA ASP A 70 3.33 21.14 6.22
C ASP A 70 3.87 22.51 5.80
N ASN A 71 4.72 22.54 4.77
CA ASN A 71 5.48 23.75 4.36
C ASN A 71 4.61 24.67 3.48
N SER A 72 3.51 24.17 2.89
CA SER A 72 2.64 24.99 2.01
C SER A 72 2.15 26.22 2.79
N SER A 73 2.27 27.39 2.16
CA SER A 73 1.71 28.68 2.65
C SER A 73 0.32 28.87 2.07
N ASP A 74 -0.09 28.00 1.13
CA ASP A 74 -1.41 28.07 0.44
C ASP A 74 -2.50 28.09 1.51
N TYR A 75 -3.51 28.92 1.30
CA TYR A 75 -4.71 29.06 2.17
C TYR A 75 -5.44 27.71 2.23
N TYR A 76 -5.66 27.07 1.08
CA TYR A 76 -6.42 25.81 0.97
C TYR A 76 -5.64 24.65 1.60
N GLN A 77 -4.33 24.60 1.41
CA GLN A 77 -3.47 23.48 1.88
C GLN A 77 -3.33 23.52 3.39
N LYS A 78 -3.35 24.72 3.98
CA LYS A 78 -3.20 24.88 5.45
C LYS A 78 -4.42 24.31 6.14
N ILE A 79 -5.60 24.51 5.53
CA ILE A 79 -6.90 23.98 6.04
C ILE A 79 -6.87 22.45 5.87
N ILE A 80 -6.44 21.95 4.71
CA ILE A 80 -6.29 20.48 4.50
C ILE A 80 -5.39 19.90 5.59
N ASN A 81 -4.22 20.51 5.79
CA ASN A 81 -3.22 20.04 6.77
C ASN A 81 -3.90 19.87 8.12
N ILE A 82 -4.59 20.91 8.59
CA ILE A 82 -5.31 20.87 9.91
C ILE A 82 -6.23 19.65 9.93
N HIS A 83 -7.03 19.44 8.89
CA HIS A 83 -8.07 18.37 8.88
C HIS A 83 -7.40 16.98 8.86
N THR A 84 -6.33 16.83 8.08
CA THR A 84 -5.63 15.52 7.88
C THR A 84 -4.88 15.14 9.16
N GLN A 85 -4.44 16.14 9.93
CA GLN A 85 -3.81 15.93 11.25
C GLN A 85 -4.71 15.00 12.06
N GLU A 86 -5.99 15.33 12.18
CA GLU A 86 -6.95 14.58 13.03
C GLU A 86 -7.44 13.29 12.37
N ASP A 87 -7.83 13.35 11.11
CA ASP A 87 -8.40 12.21 10.35
C ASP A 87 -7.43 11.01 10.36
N ALA A 88 -6.13 11.29 10.48
CA ALA A 88 -5.05 10.28 10.50
C ALA A 88 -4.88 9.68 11.89
N LYS A 89 -5.75 9.94 12.86
CA LYS A 89 -5.54 9.40 14.21
C LYS A 89 -6.49 8.23 14.45
N HIS A 90 -7.42 7.96 13.52
CA HIS A 90 -8.57 7.05 13.76
C HIS A 90 -8.19 5.59 13.66
N TRP A 91 -7.02 5.26 13.12
CA TRP A 91 -6.60 3.87 12.89
C TRP A 91 -6.43 3.17 14.23
N GLU A 92 -6.03 3.89 15.29
CA GLU A 92 -5.96 3.29 16.64
C GLU A 92 -7.38 2.89 17.06
N TRP A 93 -8.39 3.69 16.71
CA TRP A 93 -9.81 3.33 17.01
C TRP A 93 -10.14 2.02 16.30
N PHE A 94 -9.74 1.86 15.04
CA PHE A 94 -9.91 0.59 14.29
C PHE A 94 -9.36 -0.60 15.08
N LEU A 95 -8.12 -0.52 15.58
CA LEU A 95 -7.46 -1.65 16.29
C LEU A 95 -8.12 -1.90 17.64
N ASN A 96 -8.58 -0.84 18.32
CA ASN A 96 -9.40 -0.92 19.57
C ASN A 96 -10.59 -1.84 19.33
N ASP A 97 -11.46 -1.51 18.37
CA ASP A 97 -12.74 -2.21 18.13
C ASP A 97 -12.44 -3.58 17.52
N LEU A 98 -11.35 -3.71 16.75
CA LEU A 98 -10.91 -5.05 16.23
C LEU A 98 -10.81 -6.02 17.42
N GLU A 99 -10.23 -5.56 18.53
CA GLU A 99 -9.99 -6.38 19.76
C GLU A 99 -11.34 -6.71 20.44
N LEU A 100 -12.09 -5.66 20.76
CA LEU A 100 -13.46 -5.68 21.36
C LEU A 100 -14.37 -6.67 20.62
N LEU A 101 -14.39 -6.65 19.28
CA LEU A 101 -15.27 -7.50 18.44
C LEU A 101 -14.77 -8.95 18.35
N GLY A 102 -13.69 -9.32 19.03
CA GLY A 102 -13.14 -10.69 18.95
C GLY A 102 -12.46 -10.97 17.62
N PHE A 103 -12.05 -9.97 16.84
CA PHE A 103 -11.43 -10.20 15.50
C PHE A 103 -9.90 -10.05 15.58
N ASP A 104 -9.36 -9.69 16.75
CA ASP A 104 -7.88 -9.62 16.90
C ASP A 104 -7.36 -11.02 17.29
N LYS A 105 -7.52 -11.97 16.36
CA LYS A 105 -7.28 -13.42 16.49
C LYS A 105 -5.78 -13.70 16.38
N THR A 106 -5.27 -14.72 17.09
CA THR A 106 -3.90 -15.24 16.88
C THR A 106 -3.86 -16.05 15.57
N MET A 107 -2.84 -15.79 14.74
CA MET A 107 -2.61 -16.45 13.45
C MET A 107 -1.10 -16.39 13.10
N ARG A 108 -0.69 -17.13 12.08
CA ARG A 108 0.67 -16.99 11.50
C ARG A 108 0.78 -15.61 10.83
N PHE A 109 1.97 -15.01 10.91
CA PHE A 109 2.32 -13.79 10.15
C PHE A 109 1.83 -13.92 8.70
N SER A 110 2.08 -15.06 8.05
CA SER A 110 1.74 -15.21 6.61
C SER A 110 0.23 -15.19 6.42
N GLU A 111 -0.54 -15.70 7.38
CA GLU A 111 -2.05 -15.66 7.32
C GLU A 111 -2.54 -14.20 7.29
N ALA A 112 -1.99 -13.35 8.17
CA ALA A 112 -2.29 -11.91 8.17
C ALA A 112 -1.91 -11.29 6.83
N LEU A 113 -0.70 -11.56 6.33
CA LEU A 113 -0.26 -10.99 5.04
C LEU A 113 -1.18 -11.46 3.91
N ARG A 114 -1.44 -12.77 3.82
CA ARG A 114 -2.32 -13.35 2.78
C ARG A 114 -3.72 -12.71 2.86
N PHE A 115 -4.17 -12.36 4.06
CA PHE A 115 -5.48 -11.67 4.25
C PHE A 115 -5.42 -10.26 3.65
N VAL A 116 -4.53 -9.41 4.14
CA VAL A 116 -4.34 -8.00 3.68
C VAL A 116 -4.19 -7.93 2.15
N TRP A 117 -3.41 -8.85 1.55
CA TRP A 117 -3.07 -8.84 0.11
C TRP A 117 -4.00 -9.82 -0.64
N SER A 118 -5.12 -10.22 -0.03
CA SER A 118 -6.13 -11.07 -0.69
C SER A 118 -6.60 -10.41 -1.98
N ASP A 119 -6.80 -11.22 -3.02
CA ASP A 119 -7.37 -10.80 -4.31
C ASP A 119 -8.82 -10.35 -4.09
N ASP A 120 -9.44 -10.79 -3.01
CA ASP A 120 -10.86 -10.48 -2.67
C ASP A 120 -10.92 -9.16 -1.90
N LEU A 121 -9.77 -8.56 -1.55
CA LEU A 121 -9.70 -7.20 -0.95
C LEU A 121 -8.72 -6.30 -1.73
N LEU A 122 -8.62 -6.46 -3.04
CA LEU A 122 -7.82 -5.59 -3.96
C LEU A 122 -8.31 -4.15 -3.94
N HIS A 123 -9.60 -3.94 -4.20
CA HIS A 123 -10.19 -2.59 -4.29
C HIS A 123 -10.08 -1.92 -2.92
N THR A 124 -10.29 -2.66 -1.84
CA THR A 124 -10.19 -2.14 -0.44
C THR A 124 -8.75 -1.66 -0.20
N ARG A 125 -7.80 -2.56 -0.48
CA ARG A 125 -6.36 -2.31 -0.30
C ARG A 125 -5.90 -1.12 -1.16
N ARG A 126 -6.44 -0.93 -2.36
CA ARG A 126 -5.86 0.02 -3.34
C ARG A 126 -6.65 1.33 -3.40
N LEU A 127 -7.70 1.50 -2.62
CA LEU A 127 -8.54 2.72 -2.68
C LEU A 127 -7.66 3.94 -2.41
N CYS A 128 -6.90 3.96 -1.32
CA CYS A 128 -6.04 5.13 -0.98
C CYS A 128 -4.89 5.31 -1.98
N HIS A 129 -4.33 4.22 -2.47
CA HIS A 129 -3.37 4.25 -3.60
C HIS A 129 -3.96 5.02 -4.78
N ASN A 130 -5.17 4.62 -5.23
CA ASN A 130 -5.85 5.28 -6.38
C ASN A 130 -6.05 6.76 -6.07
N ILE A 131 -6.37 7.13 -4.83
CA ILE A 131 -6.58 8.56 -4.43
C ILE A 131 -5.26 9.33 -4.53
N ALA A 132 -4.16 8.76 -4.04
CA ALA A 132 -2.82 9.38 -4.08
C ALA A 132 -2.39 9.59 -5.54
N VAL A 133 -2.65 8.61 -6.39
CA VAL A 133 -2.36 8.75 -7.85
C VAL A 133 -3.26 9.85 -8.44
N LEU A 134 -4.55 9.87 -8.11
CA LEU A 134 -5.48 10.91 -8.63
C LEU A 134 -4.96 12.30 -8.20
N SER A 135 -4.39 12.38 -7.00
CA SER A 135 -4.11 13.64 -6.25
C SER A 135 -2.74 14.22 -6.60
N HIS A 136 -1.86 13.46 -7.24
CA HIS A 136 -0.39 13.73 -7.36
C HIS A 136 -0.12 15.13 -7.94
N ASP A 137 -0.89 15.58 -8.93
CA ASP A 137 -0.66 16.86 -9.65
C ASP A 137 -1.75 17.90 -9.33
N LEU A 138 -2.67 17.62 -8.41
CA LEU A 138 -3.79 18.54 -8.08
C LEU A 138 -3.26 19.70 -7.24
N GLU A 139 -3.77 20.90 -7.51
CA GLU A 139 -3.64 22.11 -6.64
C GLU A 139 -4.53 21.92 -5.42
N PRO A 140 -4.15 22.50 -4.25
CA PRO A 140 -4.86 22.27 -3.00
C PRO A 140 -6.39 22.37 -3.07
N VAL A 141 -6.93 23.36 -3.77
CA VAL A 141 -8.41 23.52 -3.92
C VAL A 141 -9.00 22.25 -4.55
N MET A 142 -8.30 21.59 -5.47
CA MET A 142 -8.85 20.38 -6.12
C MET A 142 -8.65 19.16 -5.20
N LYS A 143 -7.62 19.17 -4.37
CA LYS A 143 -7.46 18.14 -3.31
C LYS A 143 -8.63 18.24 -2.33
N MET A 144 -9.18 19.45 -2.12
CA MET A 144 -10.34 19.62 -1.22
C MET A 144 -11.53 18.84 -1.79
N VAL A 145 -11.76 18.93 -3.10
CA VAL A 145 -12.86 18.18 -3.76
C VAL A 145 -12.67 16.68 -3.48
N VAL A 146 -11.44 16.17 -3.63
CA VAL A 146 -11.11 14.73 -3.42
C VAL A 146 -11.59 14.36 -2.01
N ILE A 147 -11.13 15.16 -1.05
CA ILE A 147 -11.33 14.92 0.41
C ILE A 147 -12.82 15.00 0.71
N GLU A 148 -13.52 16.00 0.18
CA GLU A 148 -14.97 16.17 0.44
C GLU A 148 -15.73 14.97 -0.13
N ALA A 149 -15.38 14.54 -1.34
CA ALA A 149 -16.03 13.38 -1.98
C ALA A 149 -15.79 12.15 -1.12
N MET A 150 -14.53 11.91 -0.81
CA MET A 150 -14.07 10.72 -0.07
C MET A 150 -14.75 10.72 1.31
N GLU A 151 -14.79 11.89 1.97
CA GLU A 151 -15.39 12.03 3.32
C GLU A 151 -16.91 11.86 3.26
N THR A 152 -17.57 12.29 2.18
CA THR A 152 -19.03 12.03 1.96
C THR A 152 -19.27 10.53 1.92
N ALA A 153 -18.45 9.78 1.17
CA ALA A 153 -18.53 8.29 1.17
C ALA A 153 -18.27 7.75 2.59
N GLY A 154 -17.26 8.27 3.27
CA GLY A 154 -16.89 7.81 4.62
C GLY A 154 -18.04 7.96 5.60
N LEU A 155 -18.70 9.13 5.64
CA LEU A 155 -19.88 9.39 6.52
C LEU A 155 -20.98 8.37 6.26
N VAL A 156 -21.26 8.04 4.99
CA VAL A 156 -22.26 6.97 4.67
C VAL A 156 -21.80 5.66 5.31
N ILE A 157 -20.53 5.23 5.09
CA ILE A 157 -20.04 3.92 5.59
C ILE A 157 -20.17 3.88 7.12
N PHE A 158 -19.66 4.90 7.78
CA PHE A 158 -19.57 4.90 9.26
C PHE A 158 -20.92 5.18 9.92
N HIS A 159 -21.78 5.96 9.29
CA HIS A 159 -23.17 6.12 9.81
C HIS A 159 -23.82 4.74 9.75
N ALA A 160 -23.55 3.94 8.71
CA ALA A 160 -24.15 2.59 8.65
C ALA A 160 -23.49 1.70 9.70
N LEU A 161 -22.16 1.65 9.78
CA LEU A 161 -21.45 0.67 10.66
C LEU A 161 -21.71 0.97 12.14
N ALA A 162 -21.84 2.24 12.51
CA ALA A 162 -22.09 2.72 13.88
C ALA A 162 -23.43 2.17 14.41
N LYS A 163 -24.37 1.79 13.54
CA LYS A 163 -25.66 1.15 13.96
C LYS A 163 -25.38 -0.14 14.72
N PRO A 164 -24.87 -1.25 14.11
CA PRO A 164 -24.55 -2.45 14.88
C PRO A 164 -23.49 -2.24 15.95
N GLY A 165 -22.52 -1.34 15.72
CA GLY A 165 -21.47 -1.04 16.69
C GLY A 165 -22.04 -0.51 18.00
N GLU A 166 -22.95 0.47 17.92
CA GLU A 166 -23.54 1.11 19.12
C GLU A 166 -24.41 0.07 19.87
N SER A 167 -25.10 -0.79 19.12
CA SER A 167 -25.87 -1.95 19.63
C SER A 167 -24.96 -2.89 20.46
N ILE A 168 -23.78 -3.25 19.95
CA ILE A 168 -22.84 -4.12 20.70
C ILE A 168 -22.25 -3.31 21.88
N ALA A 169 -21.84 -2.06 21.67
CA ALA A 169 -21.24 -1.19 22.71
C ALA A 169 -22.18 -1.16 23.94
N LYS A 170 -23.47 -0.94 23.70
CA LYS A 170 -24.51 -0.76 24.76
C LYS A 170 -24.72 -2.10 25.49
N ALA A 171 -24.90 -3.18 24.73
CA ALA A 171 -25.17 -4.54 25.25
C ALA A 171 -23.96 -5.09 26.02
N THR A 172 -22.72 -4.81 25.60
CA THR A 172 -21.51 -5.40 26.24
C THR A 172 -20.97 -4.43 27.28
N ARG A 173 -21.55 -3.23 27.36
CA ARG A 173 -21.11 -2.14 28.27
C ARG A 173 -19.65 -1.81 27.96
N ARG A 174 -19.32 -1.62 26.68
CA ARG A 174 -17.93 -1.27 26.25
C ARG A 174 -17.98 -0.07 25.31
N LYS A 175 -16.94 0.76 25.34
CA LYS A 175 -16.82 1.98 24.53
C LYS A 175 -16.15 1.58 23.21
N TYR A 176 -16.95 1.51 22.17
CA TYR A 176 -16.49 1.39 20.78
C TYR A 176 -16.13 2.79 20.28
N LEU A 177 -15.03 2.86 19.53
CA LEU A 177 -14.43 4.13 19.08
C LEU A 177 -14.49 4.28 17.56
N TYR A 178 -14.51 3.19 16.78
CA TYR A 178 -14.38 3.24 15.30
C TYR A 178 -15.72 3.05 14.61
N VAL A 179 -16.42 1.97 14.91
CA VAL A 179 -17.82 1.75 14.44
C VAL A 179 -18.73 2.33 15.53
N ALA A 180 -18.78 3.66 15.62
CA ALA A 180 -19.34 4.40 16.76
C ALA A 180 -19.73 5.79 16.31
N ASP A 181 -20.80 6.34 16.91
CA ASP A 181 -21.33 7.68 16.57
C ASP A 181 -20.24 8.73 16.78
N SER A 182 -19.40 8.57 17.82
CA SER A 182 -18.32 9.55 18.12
C SER A 182 -17.38 9.69 16.90
N HIS A 183 -17.11 8.60 16.19
CA HIS A 183 -16.26 8.64 14.96
C HIS A 183 -16.96 9.52 13.92
N VAL A 184 -18.23 9.23 13.63
CA VAL A 184 -19.07 9.95 12.62
C VAL A 184 -19.06 11.44 12.99
N GLU A 185 -19.25 11.75 14.29
CA GLU A 185 -19.36 13.17 14.77
C GLU A 185 -18.04 13.90 14.50
N VAL A 186 -16.92 13.42 15.06
CA VAL A 186 -15.61 14.14 14.92
C VAL A 186 -15.19 14.21 13.46
N GLU A 187 -15.43 13.16 12.67
CA GLU A 187 -15.10 13.12 11.23
C GLU A 187 -15.79 14.31 10.54
N THR A 188 -17.11 14.42 10.72
CA THR A 188 -17.95 15.50 10.13
C THR A 188 -17.32 16.87 10.41
N GLY A 189 -16.81 17.10 11.63
CA GLY A 189 -16.15 18.35 12.04
C GLY A 189 -17.16 19.44 12.35
N GLU A 195 -9.72 25.44 11.70
CA GLU A 195 -11.08 25.73 12.25
C GLU A 195 -12.15 25.48 11.15
N ASN A 196 -12.02 26.08 9.96
CA ASN A 196 -13.05 26.00 8.89
C ASN A 196 -13.21 24.54 8.42
N ILE A 197 -14.44 24.12 8.10
CA ILE A 197 -14.72 22.81 7.43
C ILE A 197 -14.54 23.02 5.92
N ILE A 198 -14.12 21.97 5.20
CA ILE A 198 -13.77 22.02 3.74
C ILE A 198 -15.02 22.35 2.90
N THR A 199 -16.21 21.84 3.24
CA THR A 199 -17.43 22.12 2.42
C THR A 199 -17.70 23.62 2.45
N ILE A 200 -17.49 24.27 3.60
CA ILE A 200 -17.69 25.75 3.80
C ILE A 200 -16.87 26.48 2.73
N LEU A 201 -15.65 26.04 2.42
CA LEU A 201 -14.91 26.55 1.23
C LEU A 201 -15.64 26.03 -0.03
N GLU A 202 -16.94 26.38 -0.07
CA GLU A 202 -17.84 26.56 -1.23
C GLU A 202 -18.08 28.07 -1.39
N GLN A 203 -17.17 28.87 -0.81
CA GLN A 203 -16.94 30.31 -1.10
C GLN A 203 -16.00 30.41 -2.30
N THR A 204 -15.70 29.27 -2.95
CA THR A 204 -14.74 29.16 -4.09
C THR A 204 -15.53 28.88 -5.37
N GLN A 205 -15.07 29.44 -6.49
CA GLN A 205 -15.63 29.20 -7.85
C GLN A 205 -14.52 28.53 -8.67
N LEU A 206 -14.91 27.66 -9.61
CA LEU A 206 -13.94 26.84 -10.38
C LEU A 206 -13.87 27.34 -11.84
N SER A 207 -12.66 27.39 -12.40
CA SER A 207 -12.41 27.57 -13.86
C SER A 207 -13.03 26.37 -14.58
N SER A 208 -13.19 26.44 -15.91
CA SER A 208 -13.80 25.33 -16.69
C SER A 208 -12.96 24.06 -16.57
N GLU A 209 -11.62 24.20 -16.64
CA GLU A 209 -10.64 23.09 -16.47
C GLU A 209 -10.90 22.38 -15.13
N GLN A 210 -10.89 23.14 -14.04
CA GLN A 210 -11.12 22.64 -12.66
C GLN A 210 -12.46 21.91 -12.59
N GLU A 211 -13.46 22.36 -13.36
CA GLU A 211 -14.85 21.86 -13.26
C GLU A 211 -14.90 20.43 -13.83
N GLU A 212 -14.30 20.20 -15.00
CA GLU A 212 -14.27 18.85 -15.63
C GLU A 212 -13.38 17.92 -14.78
N LYS A 213 -12.31 18.44 -14.19
CA LYS A 213 -11.43 17.67 -13.26
C LYS A 213 -12.22 17.26 -11.99
N ALA A 214 -12.96 18.18 -11.37
CA ALA A 214 -13.73 17.89 -10.14
C ALA A 214 -14.78 16.81 -10.45
N LYS A 215 -15.39 16.81 -11.64
CA LYS A 215 -16.36 15.75 -12.05
C LYS A 215 -15.64 14.39 -12.06
N GLU A 216 -14.50 14.34 -12.75
CA GLU A 216 -13.60 13.16 -12.86
C GLU A 216 -13.28 12.62 -11.46
N ILE A 217 -12.84 13.51 -10.56
CA ILE A 217 -12.54 13.20 -9.14
C ILE A 217 -13.77 12.53 -8.48
N VAL A 218 -14.94 13.17 -8.53
CA VAL A 218 -16.13 12.67 -7.76
C VAL A 218 -16.56 11.31 -8.32
N ASN A 219 -16.61 11.19 -9.64
CA ASN A 219 -16.94 9.88 -10.28
C ASN A 219 -15.98 8.79 -9.79
N LYS A 220 -14.67 9.02 -9.86
CA LYS A 220 -13.67 7.98 -9.49
C LYS A 220 -13.80 7.68 -7.99
N VAL A 221 -13.78 8.72 -7.16
CA VAL A 221 -13.86 8.50 -5.69
C VAL A 221 -15.07 7.61 -5.39
N PHE A 222 -16.24 7.87 -5.98
CA PHE A 222 -17.43 7.04 -5.69
C PHE A 222 -17.31 5.68 -6.39
N GLN A 223 -16.72 5.62 -7.59
CA GLN A 223 -16.54 4.33 -8.28
C GLN A 223 -15.68 3.43 -7.38
N TRP A 224 -14.52 3.94 -6.93
CA TRP A 224 -13.56 3.16 -6.12
C TRP A 224 -14.18 2.77 -4.76
N SER A 225 -14.94 3.67 -4.16
CA SER A 225 -15.67 3.44 -2.88
C SER A 225 -16.71 2.32 -3.06
N THR A 226 -17.45 2.34 -4.17
CA THR A 226 -18.41 1.25 -4.50
C THR A 226 -17.66 -0.05 -4.75
N ASN A 227 -16.47 -0.04 -5.38
CA ASN A 227 -15.71 -1.30 -5.60
C ASN A 227 -15.32 -1.94 -4.25
N LEU A 228 -14.86 -1.13 -3.29
CA LEU A 228 -14.50 -1.57 -1.91
C LEU A 228 -15.74 -2.22 -1.28
N ILE A 229 -16.86 -1.52 -1.35
CA ILE A 229 -18.10 -1.97 -0.64
C ILE A 229 -18.57 -3.30 -1.23
N GLY A 230 -18.50 -3.44 -2.56
CA GLY A 230 -18.75 -4.72 -3.27
C GLY A 230 -17.90 -5.84 -2.73
N GLU A 231 -16.61 -5.59 -2.46
CA GLU A 231 -15.76 -6.64 -1.83
C GLU A 231 -16.26 -6.99 -0.44
N PHE A 232 -16.74 -6.00 0.33
CA PHE A 232 -17.24 -6.25 1.70
C PHE A 232 -18.49 -7.14 1.60
N GLU A 233 -19.42 -6.77 0.72
CA GLU A 233 -20.68 -7.52 0.49
C GLU A 233 -20.34 -8.98 0.22
N ARG A 234 -19.37 -9.24 -0.68
CA ARG A 234 -18.96 -10.62 -1.05
C ARG A 234 -18.26 -11.34 0.10
N TYR A 235 -17.42 -10.64 0.88
CA TYR A 235 -16.77 -11.24 2.08
C TYR A 235 -17.87 -11.68 3.05
N VAL A 236 -18.83 -10.78 3.33
CA VAL A 236 -19.99 -11.07 4.21
C VAL A 236 -20.61 -12.37 3.72
N LYS A 237 -20.99 -12.39 2.44
CA LYS A 237 -21.62 -13.57 1.80
C LYS A 237 -20.80 -14.82 2.12
N ALA A 238 -19.48 -14.77 2.03
CA ALA A 238 -18.60 -15.96 2.17
C ALA A 238 -18.30 -16.27 3.65
N HIS A 239 -18.98 -15.58 4.59
CA HIS A 239 -18.70 -15.62 6.06
C HIS A 239 -19.97 -15.47 6.90
N ARG A 240 -21.15 -15.74 6.33
CA ARG A 240 -22.43 -15.71 7.08
C ARG A 240 -22.37 -16.75 8.20
N SER A 241 -21.59 -17.83 8.00
CA SER A 241 -21.36 -18.92 9.00
C SER A 241 -20.26 -18.50 9.96
N GLU A 242 -20.31 -17.25 10.43
CA GLU A 242 -19.56 -16.75 11.61
C GLU A 242 -20.00 -15.30 11.89
N LYS A 243 -19.42 -14.72 12.94
CA LYS A 243 -19.91 -13.49 13.58
C LYS A 243 -18.74 -12.88 14.35
N ALA A 244 -18.80 -11.59 14.68
CA ALA A 244 -18.02 -10.99 15.77
C ALA A 244 -18.29 -11.80 17.05
N GLN A 245 -17.29 -11.87 17.92
CA GLN A 245 -17.41 -12.54 19.24
C GLN A 245 -17.02 -11.52 20.30
N PRO A 246 -17.88 -10.53 20.58
CA PRO A 246 -17.59 -9.58 21.65
C PRO A 246 -17.75 -10.38 22.95
N THR A 247 -17.03 -10.00 24.00
CA THR A 247 -17.25 -10.53 25.37
C THR A 247 -17.94 -9.42 26.18
N ALA A 248 -18.81 -9.80 27.12
CA ALA A 248 -19.45 -8.90 28.11
C ALA A 248 -18.38 -8.31 29.03
N GLY B 9 21.71 5.37 -29.53
CA GLY B 9 22.21 6.77 -29.41
C GLY B 9 23.06 6.96 -28.16
N ALA B 10 23.39 8.22 -27.85
CA ALA B 10 24.34 8.64 -26.77
C ALA B 10 23.59 9.19 -25.55
N GLY B 11 22.29 9.48 -25.68
CA GLY B 11 21.42 9.84 -24.53
C GLY B 11 21.13 8.62 -23.67
N MET B 12 20.74 7.51 -24.29
CA MET B 12 20.53 6.19 -23.65
C MET B 12 21.84 5.72 -23.00
N LYS B 13 22.97 5.86 -23.71
CA LYS B 13 24.30 5.41 -23.24
C LYS B 13 24.59 6.04 -21.87
N ALA B 14 24.23 7.33 -21.73
CA ALA B 14 24.37 8.13 -20.49
C ALA B 14 23.50 7.54 -19.38
N ILE B 15 22.27 7.11 -19.72
CA ILE B 15 21.28 6.52 -18.76
C ILE B 15 21.86 5.19 -18.23
N LEU B 16 22.19 4.25 -19.12
CA LEU B 16 22.74 2.92 -18.72
C LEU B 16 24.00 3.10 -17.87
N GLN B 17 24.77 4.16 -18.11
CA GLN B 17 26.01 4.45 -17.33
C GLN B 17 25.61 5.00 -15.96
N LEU B 18 24.64 5.94 -15.88
CA LEU B 18 24.14 6.50 -14.59
C LEU B 18 23.62 5.35 -13.69
N ILE B 19 22.94 4.36 -14.29
CA ILE B 19 22.46 3.15 -13.58
C ILE B 19 23.66 2.35 -13.04
N LEU B 20 24.75 2.22 -13.80
CA LEU B 20 25.97 1.50 -13.34
C LEU B 20 26.56 2.29 -12.16
N GLU B 21 26.67 3.60 -12.33
CA GLU B 21 27.13 4.56 -11.28
C GLU B 21 26.28 4.34 -10.03
N LYS B 22 24.96 4.41 -10.17
CA LYS B 22 24.01 4.34 -9.03
C LYS B 22 24.12 2.97 -8.38
N ARG B 23 24.28 1.90 -9.17
CA ARG B 23 24.49 0.52 -8.67
C ARG B 23 25.77 0.45 -7.82
N GLN B 24 26.82 1.19 -8.18
CA GLN B 24 28.17 1.07 -7.58
C GLN B 24 28.16 1.69 -6.18
N GLU B 25 27.53 2.86 -6.04
CA GLU B 25 27.23 3.54 -4.74
C GLU B 25 26.33 2.62 -3.89
N PHE B 26 25.20 2.18 -4.44
CA PHE B 26 24.18 1.33 -3.76
C PHE B 26 24.83 0.07 -3.18
N GLU B 27 25.64 -0.64 -3.98
CA GLU B 27 26.39 -1.86 -3.59
C GLU B 27 27.22 -1.66 -2.31
N LYS B 28 27.65 -0.43 -2.02
CA LYS B 28 28.58 -0.10 -0.92
C LYS B 28 27.84 0.16 0.41
N LEU B 29 26.50 0.21 0.43
CA LEU B 29 25.76 0.65 1.65
C LEU B 29 26.09 -0.27 2.82
N PRO B 30 26.17 0.27 4.05
CA PRO B 30 26.51 -0.51 5.25
C PRO B 30 25.68 -1.79 5.41
N CYS B 31 24.36 -1.69 5.23
CA CYS B 31 23.46 -2.86 5.28
C CYS B 31 24.03 -4.03 4.45
N PHE B 32 24.58 -3.79 3.26
CA PHE B 32 25.09 -4.87 2.38
C PHE B 32 26.42 -5.44 2.92
N GLU B 33 27.33 -4.59 3.41
CA GLU B 33 28.60 -5.07 4.02
C GLU B 33 28.24 -5.97 5.21
N PHE B 34 27.23 -5.59 5.99
CA PHE B 34 26.70 -6.42 7.09
C PHE B 34 26.19 -7.77 6.54
N VAL B 35 25.24 -7.76 5.61
CA VAL B 35 24.65 -9.01 5.03
C VAL B 35 25.74 -9.92 4.41
N ARG B 36 26.82 -9.35 3.88
CA ARG B 36 27.94 -10.09 3.22
C ARG B 36 28.94 -10.62 4.26
N ASP B 37 28.89 -10.17 5.51
CA ASP B 37 29.94 -10.42 6.50
C ASP B 37 29.88 -11.86 7.02
N GLU B 38 30.75 -12.73 6.51
CA GLU B 38 30.67 -14.17 6.86
C GLU B 38 31.17 -14.43 8.30
N THR B 39 31.71 -13.45 9.01
CA THR B 39 32.13 -13.61 10.44
C THR B 39 30.88 -13.53 11.33
N ILE B 40 29.78 -12.99 10.80
CA ILE B 40 28.47 -12.88 11.51
C ILE B 40 27.61 -14.08 11.09
N SER B 41 26.95 -14.78 12.02
CA SER B 41 26.11 -15.95 11.68
C SER B 41 25.07 -15.52 10.64
N PRO B 42 24.73 -16.39 9.68
CA PRO B 42 23.77 -16.03 8.65
C PRO B 42 22.35 -15.82 9.24
N GLU B 43 22.03 -16.49 10.35
CA GLU B 43 20.79 -16.29 11.15
C GLU B 43 20.71 -14.83 11.63
N GLU B 44 21.83 -14.25 12.07
CA GLU B 44 21.91 -12.84 12.51
C GLU B 44 21.77 -11.87 11.33
N ARG B 45 22.36 -12.17 10.17
CA ARG B 45 22.35 -11.26 9.01
C ARG B 45 20.95 -11.23 8.38
N LEU B 46 20.15 -12.26 8.60
CA LEU B 46 18.79 -12.36 8.03
C LEU B 46 17.74 -11.96 9.07
N ILE B 47 18.18 -11.29 10.15
CA ILE B 47 17.33 -10.55 11.13
C ILE B 47 16.36 -9.64 10.36
N LEU B 48 16.80 -9.12 9.21
CA LEU B 48 16.02 -8.12 8.42
C LEU B 48 14.97 -8.79 7.53
N TYR B 49 14.93 -10.11 7.46
CA TYR B 49 14.10 -10.87 6.49
C TYR B 49 12.62 -10.48 6.61
N PRO B 50 12.04 -10.44 7.83
CA PRO B 50 10.62 -10.10 7.98
C PRO B 50 10.26 -8.70 7.49
N CYS B 51 11.23 -7.75 7.49
CA CYS B 51 11.08 -6.38 6.92
C CYS B 51 10.57 -6.47 5.47
N ILE B 52 10.93 -7.53 4.78
CA ILE B 52 10.64 -7.67 3.35
C ILE B 52 9.11 -7.80 3.17
N ALA B 53 8.37 -8.24 4.19
CA ALA B 53 6.90 -8.48 4.11
C ALA B 53 6.19 -7.25 3.54
N ALA B 54 6.55 -6.08 4.07
CA ALA B 54 5.97 -4.76 3.71
C ALA B 54 6.31 -4.39 2.27
N PHE B 55 7.13 -5.18 1.55
CA PHE B 55 7.63 -4.90 0.17
C PHE B 55 7.26 -6.01 -0.83
N ALA B 56 7.54 -7.28 -0.52
CA ALA B 56 7.46 -8.41 -1.49
C ALA B 56 6.06 -8.46 -2.08
N LEU B 57 5.02 -8.24 -1.26
CA LEU B 57 3.63 -8.36 -1.74
C LEU B 57 3.22 -7.10 -2.49
N ASN B 58 3.74 -5.94 -2.11
CA ASN B 58 3.50 -4.69 -2.87
C ASN B 58 4.18 -4.79 -4.23
N PHE B 59 5.34 -5.45 -4.28
CA PHE B 59 6.09 -5.65 -5.54
C PHE B 59 5.25 -6.50 -6.50
N ARG B 60 4.65 -7.56 -5.97
CA ARG B 60 3.68 -8.40 -6.74
C ARG B 60 2.58 -7.52 -7.34
N ASP B 61 1.92 -6.70 -6.52
CA ASP B 61 0.81 -5.82 -6.97
C ASP B 61 1.33 -4.83 -8.00
N LEU B 62 2.49 -4.21 -7.75
CA LEU B 62 3.10 -3.26 -8.71
C LEU B 62 3.11 -3.92 -10.09
N ASN B 63 3.58 -5.17 -10.15
CA ASN B 63 3.78 -5.94 -11.40
C ASN B 63 2.42 -6.35 -11.98
N ARG B 64 1.45 -6.73 -11.13
CA ARG B 64 0.12 -7.15 -11.64
C ARG B 64 -0.65 -5.94 -12.18
N TYR B 65 -0.61 -4.83 -11.48
CA TYR B 65 -1.65 -3.78 -11.60
C TYR B 65 -1.08 -2.51 -12.20
N ASP B 66 0.19 -2.18 -11.95
CA ASP B 66 0.71 -0.82 -12.20
C ASP B 66 1.55 -0.82 -13.49
N TYR B 67 2.46 -1.78 -13.65
CA TYR B 67 3.39 -1.89 -14.78
C TYR B 67 2.65 -2.43 -16.00
N ARG B 68 1.95 -3.55 -15.75
CA ARG B 68 1.12 -4.32 -16.71
C ARG B 68 -0.05 -3.44 -17.17
N ASP B 69 -0.38 -3.50 -18.47
CA ASP B 69 -1.60 -2.90 -19.06
C ASP B 69 -2.03 -3.78 -20.25
N ASP B 70 -3.10 -4.57 -20.08
CA ASP B 70 -3.54 -5.62 -21.04
C ASP B 70 -4.39 -5.00 -22.17
N ASN B 71 -4.74 -3.71 -22.08
CA ASN B 71 -5.38 -2.93 -23.17
C ASN B 71 -4.33 -2.00 -23.78
N SER B 72 -3.32 -2.57 -24.43
CA SER B 72 -2.26 -1.86 -25.19
C SER B 72 -1.78 -2.74 -26.35
N SER B 73 -1.49 -2.13 -27.50
CA SER B 73 -0.93 -2.79 -28.70
C SER B 73 0.55 -2.43 -28.89
N ASP B 74 1.05 -1.39 -28.20
CA ASP B 74 2.47 -0.94 -28.25
C ASP B 74 3.39 -2.17 -28.08
N TYR B 75 4.45 -2.23 -28.91
CA TYR B 75 5.52 -3.26 -28.88
C TYR B 75 6.08 -3.33 -27.46
N TYR B 76 6.51 -2.18 -26.91
CA TYR B 76 7.25 -2.06 -25.62
C TYR B 76 6.36 -2.55 -24.48
N GLN B 77 5.14 -2.04 -24.37
CA GLN B 77 4.19 -2.40 -23.28
C GLN B 77 3.99 -3.91 -23.28
N LYS B 78 3.96 -4.53 -24.45
CA LYS B 78 3.81 -6.00 -24.60
C LYS B 78 5.03 -6.71 -24.01
N ILE B 79 6.24 -6.17 -24.24
CA ILE B 79 7.48 -6.73 -23.62
C ILE B 79 7.32 -6.61 -22.10
N ILE B 80 6.98 -5.42 -21.61
CA ILE B 80 6.76 -5.14 -20.16
C ILE B 80 5.83 -6.21 -19.59
N ASN B 81 4.68 -6.43 -20.23
CA ASN B 81 3.58 -7.27 -19.69
C ASN B 81 4.13 -8.69 -19.50
N ILE B 82 4.87 -9.21 -20.47
CA ILE B 82 5.53 -10.55 -20.39
C ILE B 82 6.42 -10.59 -19.14
N HIS B 83 7.33 -9.63 -19.00
CA HIS B 83 8.32 -9.60 -17.89
C HIS B 83 7.56 -9.50 -16.55
N THR B 84 6.59 -8.58 -16.44
CA THR B 84 5.86 -8.34 -15.16
C THR B 84 5.16 -9.62 -14.69
N GLN B 85 4.72 -10.48 -15.63
CA GLN B 85 4.00 -11.75 -15.34
C GLN B 85 4.87 -12.63 -14.44
N GLU B 86 6.11 -12.87 -14.82
CA GLU B 86 7.03 -13.78 -14.07
C GLU B 86 7.47 -13.13 -12.76
N ASP B 87 7.81 -11.83 -12.80
CA ASP B 87 8.32 -11.05 -11.65
C ASP B 87 7.26 -11.01 -10.53
N ALA B 88 5.97 -11.10 -10.89
CA ALA B 88 4.81 -11.12 -9.96
C ALA B 88 4.61 -12.50 -9.32
N LYS B 89 5.47 -13.50 -9.56
CA LYS B 89 5.24 -14.87 -9.00
C LYS B 89 6.15 -15.11 -7.79
N HIS B 90 7.08 -14.21 -7.47
CA HIS B 90 8.15 -14.46 -6.48
C HIS B 90 7.65 -14.26 -5.04
N TRP B 91 6.52 -13.59 -4.82
CA TRP B 91 6.00 -13.34 -3.44
C TRP B 91 5.80 -14.65 -2.67
N GLU B 92 5.44 -15.74 -3.35
CA GLU B 92 5.19 -17.06 -2.69
C GLU B 92 6.53 -17.62 -2.19
N TRP B 93 7.61 -17.38 -2.94
CA TRP B 93 9.00 -17.72 -2.50
C TRP B 93 9.28 -16.98 -1.19
N PHE B 94 8.86 -15.73 -1.10
CA PHE B 94 9.08 -14.90 0.12
C PHE B 94 8.40 -15.64 1.27
N LEU B 95 7.16 -16.11 1.08
CA LEU B 95 6.42 -16.76 2.19
C LEU B 95 7.06 -18.11 2.50
N ASN B 96 7.52 -18.84 1.48
CA ASN B 96 8.28 -20.11 1.66
C ASN B 96 9.44 -19.87 2.64
N ASP B 97 10.36 -18.97 2.30
CA ASP B 97 11.59 -18.73 3.11
C ASP B 97 11.24 -18.08 4.46
N LEU B 98 10.13 -17.33 4.56
CA LEU B 98 9.69 -16.79 5.89
C LEU B 98 9.54 -17.97 6.86
N GLU B 99 8.83 -19.00 6.42
CA GLU B 99 8.49 -20.18 7.26
C GLU B 99 9.82 -20.94 7.51
N LEU B 100 10.57 -21.23 6.46
CA LEU B 100 11.87 -21.94 6.61
C LEU B 100 12.73 -21.23 7.68
N LEU B 101 12.76 -19.89 7.67
CA LEU B 101 13.66 -19.07 8.53
C LEU B 101 13.12 -19.04 9.97
N GLY B 102 11.91 -19.56 10.22
CA GLY B 102 11.29 -19.51 11.56
C GLY B 102 10.71 -18.13 11.88
N PHE B 103 10.42 -17.32 10.85
CA PHE B 103 9.86 -15.95 11.01
C PHE B 103 8.35 -15.97 10.76
N ASP B 104 7.80 -17.14 10.44
CA ASP B 104 6.33 -17.25 10.22
C ASP B 104 5.71 -17.54 11.58
N LYS B 105 5.87 -16.61 12.50
CA LYS B 105 5.50 -16.83 13.93
C LYS B 105 4.01 -16.53 14.10
N THR B 106 3.43 -17.11 15.14
CA THR B 106 2.03 -16.90 15.56
C THR B 106 1.96 -15.58 16.31
N MET B 107 0.94 -14.78 16.04
CA MET B 107 0.82 -13.41 16.60
C MET B 107 -0.63 -12.96 16.43
N ARG B 108 -1.00 -11.93 17.18
CA ARG B 108 -2.24 -11.16 17.03
C ARG B 108 -2.26 -10.54 15.64
N PHE B 109 -3.39 -10.63 14.93
CA PHE B 109 -3.66 -9.88 13.67
C PHE B 109 -3.12 -8.44 13.81
N SER B 110 -3.39 -7.74 14.92
CA SER B 110 -2.99 -6.34 15.12
C SER B 110 -1.46 -6.19 15.14
N GLU B 111 -0.74 -7.18 15.64
CA GLU B 111 0.75 -7.13 15.69
C GLU B 111 1.30 -7.24 14.27
N ALA B 112 0.66 -8.00 13.39
CA ALA B 112 1.02 -8.14 11.96
C ALA B 112 0.77 -6.79 11.25
N LEU B 113 -0.36 -6.14 11.53
CA LEU B 113 -0.73 -4.86 10.90
C LEU B 113 0.23 -3.78 11.43
N ARG B 114 0.48 -3.76 12.73
CA ARG B 114 1.40 -2.75 13.30
C ARG B 114 2.82 -2.96 12.75
N PHE B 115 3.22 -4.18 12.46
CA PHE B 115 4.51 -4.48 11.80
C PHE B 115 4.55 -3.84 10.41
N VAL B 116 3.66 -4.27 9.53
CA VAL B 116 3.58 -3.79 8.12
C VAL B 116 3.54 -2.24 8.06
N TRP B 117 2.69 -1.63 8.88
CA TRP B 117 2.46 -0.16 8.87
C TRP B 117 3.35 0.55 9.88
N SER B 118 4.42 -0.11 10.38
CA SER B 118 5.42 0.52 11.27
C SER B 118 6.00 1.76 10.60
N ASP B 119 6.24 2.78 11.40
CA ASP B 119 6.89 4.04 10.95
C ASP B 119 8.36 3.71 10.63
N ASP B 120 8.87 2.62 11.19
CA ASP B 120 10.26 2.14 10.94
C ASP B 120 10.34 1.34 9.62
N LEU B 121 9.22 1.03 8.97
CA LEU B 121 9.26 0.42 7.61
C LEU B 121 8.45 1.26 6.61
N LEU B 122 8.32 2.57 6.85
CA LEU B 122 7.59 3.52 5.96
C LEU B 122 8.16 3.44 4.53
N HIS B 123 9.48 3.56 4.38
CA HIS B 123 10.15 3.61 3.06
C HIS B 123 10.04 2.24 2.38
N THR B 124 10.18 1.17 3.13
CA THR B 124 10.00 -0.22 2.65
C THR B 124 8.56 -0.38 2.12
N ARG B 125 7.58 0.07 2.91
CA ARG B 125 6.14 -0.10 2.61
C ARG B 125 5.72 0.75 1.40
N ARG B 126 6.31 1.94 1.25
CA ARG B 126 5.91 2.92 0.20
C ARG B 126 6.75 2.81 -1.07
N LEU B 127 7.80 1.98 -1.09
CA LEU B 127 8.70 1.94 -2.28
C LEU B 127 7.88 1.67 -3.54
N CYS B 128 7.08 0.60 -3.57
CA CYS B 128 6.29 0.23 -4.76
C CYS B 128 5.22 1.27 -5.06
N HIS B 129 4.63 1.89 -4.03
CA HIS B 129 3.62 2.97 -4.20
C HIS B 129 4.28 4.13 -4.96
N ASN B 130 5.49 4.48 -4.52
CA ASN B 130 6.28 5.59 -5.11
C ASN B 130 6.56 5.26 -6.60
N ILE B 131 6.89 4.01 -6.88
CA ILE B 131 7.21 3.52 -8.26
C ILE B 131 5.94 3.61 -9.10
N ALA B 132 4.75 3.28 -8.57
CA ALA B 132 3.48 3.37 -9.32
C ALA B 132 3.15 4.83 -9.65
N VAL B 133 3.35 5.75 -8.72
CA VAL B 133 3.10 7.21 -8.89
C VAL B 133 4.04 7.70 -10.00
N LEU B 134 5.33 7.42 -9.86
CA LEU B 134 6.37 7.76 -10.87
C LEU B 134 5.95 7.26 -12.27
N SER B 135 5.44 6.04 -12.35
CA SER B 135 5.24 5.24 -13.58
C SER B 135 3.91 5.56 -14.26
N HIS B 136 2.91 6.03 -13.52
CA HIS B 136 1.49 5.96 -13.98
C HIS B 136 1.31 6.78 -15.27
N ASP B 137 2.09 7.84 -15.49
CA ASP B 137 1.92 8.68 -16.71
C ASP B 137 3.15 8.61 -17.62
N LEU B 138 3.94 7.53 -17.53
CA LEU B 138 5.11 7.35 -18.44
C LEU B 138 4.69 6.60 -19.69
N GLU B 139 5.31 6.91 -20.82
CA GLU B 139 5.24 6.06 -22.05
C GLU B 139 6.04 4.78 -21.77
N PRO B 140 5.72 3.66 -22.45
CA PRO B 140 6.32 2.35 -22.14
C PRO B 140 7.86 2.29 -22.12
N VAL B 141 8.54 2.90 -23.08
CA VAL B 141 10.04 2.96 -23.10
C VAL B 141 10.51 3.50 -21.74
N MET B 142 9.83 4.47 -21.18
CA MET B 142 10.24 5.11 -19.91
C MET B 142 9.91 4.19 -18.73
N LYS B 143 8.79 3.48 -18.77
CA LYS B 143 8.48 2.40 -17.79
C LYS B 143 9.58 1.32 -17.87
N MET B 144 10.15 1.09 -19.06
CA MET B 144 11.23 0.08 -19.24
C MET B 144 12.44 0.52 -18.42
N VAL B 145 12.66 1.84 -18.37
CA VAL B 145 13.80 2.45 -17.64
C VAL B 145 13.55 2.28 -16.14
N VAL B 146 12.31 2.51 -15.66
CA VAL B 146 11.93 2.35 -14.21
C VAL B 146 12.30 0.91 -13.83
N ILE B 147 11.82 -0.04 -14.63
CA ILE B 147 11.91 -1.51 -14.39
C ILE B 147 13.39 -1.91 -14.40
N GLU B 148 14.19 -1.37 -15.33
CA GLU B 148 15.60 -1.80 -15.46
C GLU B 148 16.39 -1.32 -14.22
N ALA B 149 16.15 -0.09 -13.77
CA ALA B 149 16.79 0.53 -12.57
C ALA B 149 16.39 -0.27 -11.32
N MET B 150 15.08 -0.42 -11.14
CA MET B 150 14.49 -1.23 -10.05
C MET B 150 15.16 -2.61 -10.03
N GLU B 151 15.22 -3.29 -11.17
CA GLU B 151 15.79 -4.66 -11.29
C GLU B 151 17.29 -4.63 -11.02
N THR B 152 17.98 -3.53 -11.31
CA THR B 152 19.43 -3.36 -11.04
C THR B 152 19.63 -3.25 -9.53
N ALA B 153 18.82 -2.46 -8.84
CA ALA B 153 18.89 -2.37 -7.36
C ALA B 153 18.52 -3.75 -6.80
N GLY B 154 17.50 -4.38 -7.39
CA GLY B 154 17.00 -5.69 -6.97
C GLY B 154 18.09 -6.76 -6.97
N LEU B 155 18.89 -6.80 -8.03
CA LEU B 155 20.02 -7.75 -8.18
C LEU B 155 21.03 -7.53 -7.06
N VAL B 156 21.39 -6.28 -6.76
CA VAL B 156 22.36 -5.96 -5.67
C VAL B 156 21.81 -6.56 -4.37
N ILE B 157 20.55 -6.24 -4.03
CA ILE B 157 19.87 -6.76 -2.81
C ILE B 157 19.95 -8.30 -2.77
N PHE B 158 19.48 -9.00 -3.82
CA PHE B 158 19.33 -10.47 -3.78
C PHE B 158 20.70 -11.12 -3.97
N HIS B 159 21.63 -10.47 -4.64
CA HIS B 159 23.04 -10.98 -4.65
C HIS B 159 23.55 -11.02 -3.20
N ALA B 160 23.28 -10.00 -2.38
CA ALA B 160 23.75 -9.96 -0.98
C ALA B 160 23.00 -10.97 -0.12
N LEU B 161 21.66 -11.00 -0.18
CA LEU B 161 20.84 -11.82 0.75
C LEU B 161 21.03 -13.31 0.46
N ALA B 162 21.22 -13.69 -0.80
CA ALA B 162 21.43 -15.08 -1.22
C ALA B 162 22.70 -15.67 -0.55
N LYS B 163 23.63 -14.85 -0.05
CA LYS B 163 24.85 -15.35 0.65
C LYS B 163 24.45 -16.05 1.96
N PRO B 164 23.90 -15.34 2.97
CA PRO B 164 23.43 -16.02 4.19
C PRO B 164 22.31 -17.02 3.92
N GLY B 165 21.42 -16.69 2.97
CA GLY B 165 20.35 -17.57 2.48
C GLY B 165 20.87 -18.95 2.09
N GLU B 166 21.85 -19.02 1.20
CA GLU B 166 22.34 -20.31 0.65
C GLU B 166 23.18 -21.02 1.73
N SER B 167 23.80 -20.28 2.65
CA SER B 167 24.52 -20.85 3.79
C SER B 167 23.55 -21.68 4.64
N ILE B 168 22.40 -21.10 4.96
CA ILE B 168 21.35 -21.74 5.79
C ILE B 168 20.73 -22.90 5.01
N ALA B 169 20.52 -22.72 3.72
CA ALA B 169 19.85 -23.70 2.83
C ALA B 169 20.71 -24.97 2.77
N LYS B 170 22.03 -24.84 2.59
CA LYS B 170 22.95 -26.00 2.58
C LYS B 170 23.07 -26.58 4.01
N ALA B 171 23.30 -25.74 5.01
CA ALA B 171 23.48 -26.16 6.42
C ALA B 171 22.26 -26.97 6.92
N THR B 172 21.04 -26.60 6.51
CA THR B 172 19.78 -27.23 7.01
C THR B 172 19.21 -28.19 5.96
N ARG B 173 19.83 -28.29 4.78
CA ARG B 173 19.35 -29.06 3.60
C ARG B 173 17.86 -28.83 3.35
N ARG B 174 17.46 -27.57 3.13
CA ARG B 174 16.10 -27.17 2.70
C ARG B 174 16.23 -26.32 1.44
N LYS B 175 15.25 -26.37 0.55
CA LYS B 175 15.25 -25.60 -0.71
C LYS B 175 14.75 -24.19 -0.41
N TYR B 176 15.66 -23.20 -0.33
CA TYR B 176 15.31 -21.77 -0.18
C TYR B 176 15.07 -21.20 -1.57
N LEU B 177 13.99 -20.40 -1.70
CA LEU B 177 13.46 -19.94 -3.01
C LEU B 177 13.64 -18.44 -3.18
N TYR B 178 13.82 -17.66 -2.10
CA TYR B 178 13.70 -16.18 -2.20
C TYR B 178 15.06 -15.54 -1.95
N VAL B 179 15.68 -15.84 -0.80
CA VAL B 179 17.09 -15.42 -0.52
C VAL B 179 18.01 -16.56 -1.01
N ALA B 180 18.05 -16.72 -2.34
CA ALA B 180 18.52 -17.96 -3.01
C ALA B 180 19.03 -17.60 -4.41
N ASP B 181 20.05 -18.34 -4.85
CA ASP B 181 20.68 -18.11 -6.18
C ASP B 181 19.63 -18.28 -7.27
N SER B 182 18.69 -19.21 -7.11
CA SER B 182 17.64 -19.52 -8.14
C SER B 182 16.79 -18.26 -8.41
N HIS B 183 16.51 -17.47 -7.37
CA HIS B 183 15.78 -16.18 -7.51
C HIS B 183 16.69 -15.20 -8.25
N VAL B 184 17.94 -15.06 -7.83
CA VAL B 184 18.96 -14.16 -8.46
C VAL B 184 19.12 -14.53 -9.93
N GLU B 185 19.02 -15.82 -10.27
CA GLU B 185 19.31 -16.36 -11.63
C GLU B 185 18.12 -16.11 -12.59
N VAL B 186 16.88 -16.29 -12.13
CA VAL B 186 15.64 -16.19 -12.97
C VAL B 186 15.31 -14.72 -13.26
N GLU B 187 15.62 -13.81 -12.33
CA GLU B 187 15.40 -12.33 -12.48
C GLU B 187 16.28 -11.78 -13.62
N THR B 188 17.44 -12.40 -13.85
CA THR B 188 18.46 -12.02 -14.87
C THR B 188 18.10 -12.62 -16.24
N ASN B 196 12.50 -11.45 -25.27
CA ASN B 196 13.61 -10.46 -25.44
C ASN B 196 13.73 -9.63 -24.16
N ILE B 197 14.91 -9.60 -23.55
CA ILE B 197 15.21 -8.89 -22.27
C ILE B 197 15.07 -7.37 -22.48
N ILE B 198 14.82 -6.61 -21.41
CA ILE B 198 14.51 -5.14 -21.45
C ILE B 198 15.78 -4.35 -21.75
N THR B 199 16.94 -4.69 -21.18
CA THR B 199 18.20 -3.93 -21.42
C THR B 199 18.51 -4.03 -22.92
N ILE B 200 18.27 -5.21 -23.51
CA ILE B 200 18.51 -5.52 -24.96
C ILE B 200 17.85 -4.45 -25.85
N LEU B 201 16.72 -3.86 -25.41
CA LEU B 201 16.11 -2.71 -26.12
C LEU B 201 16.82 -1.40 -25.71
N GLU B 202 18.11 -1.48 -25.36
CA GLU B 202 19.11 -0.39 -25.49
C GLU B 202 19.48 -0.24 -26.98
N GLN B 203 18.68 -0.85 -27.87
CA GLN B 203 18.62 -0.53 -29.31
C GLN B 203 17.64 0.64 -29.51
N THR B 204 17.48 1.48 -28.48
CA THR B 204 16.45 2.53 -28.39
C THR B 204 17.11 3.89 -28.21
N GLN B 205 16.64 4.90 -28.96
CA GLN B 205 17.13 6.29 -28.85
C GLN B 205 16.09 7.11 -28.10
N LEU B 206 16.54 7.97 -27.19
CA LEU B 206 15.71 8.89 -26.38
C LEU B 206 15.88 10.32 -26.93
N SER B 207 14.79 11.09 -26.94
CA SER B 207 14.80 12.57 -27.13
C SER B 207 15.55 13.21 -25.95
N SER B 208 15.70 14.53 -25.98
CA SER B 208 16.24 15.35 -24.85
C SER B 208 15.34 15.15 -23.63
N GLU B 209 14.03 15.25 -23.82
CA GLU B 209 12.98 15.21 -22.76
C GLU B 209 13.03 13.85 -22.03
N GLN B 210 13.03 12.76 -22.80
CA GLN B 210 13.10 11.36 -22.30
C GLN B 210 14.44 11.12 -21.59
N GLU B 211 15.52 11.64 -22.16
CA GLU B 211 16.87 11.62 -21.54
C GLU B 211 16.76 12.14 -20.10
N GLU B 212 16.14 13.31 -19.91
CA GLU B 212 16.07 14.00 -18.60
C GLU B 212 15.14 13.22 -17.67
N LYS B 213 14.05 12.68 -18.20
CA LYS B 213 13.05 11.94 -17.38
C LYS B 213 13.64 10.60 -16.94
N ALA B 214 14.45 9.97 -17.81
CA ALA B 214 15.15 8.70 -17.52
C ALA B 214 16.11 8.97 -16.37
N LYS B 215 16.75 10.14 -16.36
CA LYS B 215 17.67 10.60 -15.29
C LYS B 215 16.90 10.75 -13.97
N GLU B 216 15.72 11.42 -14.00
CA GLU B 216 14.82 11.59 -12.83
C GLU B 216 14.42 10.21 -12.27
N ILE B 217 13.99 9.32 -13.16
CA ILE B 217 13.54 7.94 -12.83
C ILE B 217 14.69 7.21 -12.12
N VAL B 218 15.88 7.17 -12.72
CA VAL B 218 17.02 6.37 -12.18
C VAL B 218 17.42 6.95 -10.81
N ASN B 219 17.37 8.27 -10.65
CA ASN B 219 17.72 8.92 -9.36
C ASN B 219 16.70 8.54 -8.27
N LYS B 220 15.41 8.59 -8.59
CA LYS B 220 14.33 8.37 -7.59
C LYS B 220 14.31 6.88 -7.22
N VAL B 221 14.38 5.97 -8.18
CA VAL B 221 14.46 4.49 -7.91
C VAL B 221 15.58 4.22 -6.89
N PHE B 222 16.80 4.66 -7.18
CA PHE B 222 17.97 4.44 -6.31
C PHE B 222 17.84 5.21 -4.99
N GLN B 223 17.27 6.42 -4.94
CA GLN B 223 17.09 7.12 -3.65
C GLN B 223 16.09 6.32 -2.80
N TRP B 224 14.94 5.94 -3.38
CA TRP B 224 13.89 5.17 -2.66
C TRP B 224 14.46 3.84 -2.17
N SER B 225 15.30 3.16 -2.97
CA SER B 225 15.93 1.85 -2.66
C SER B 225 16.93 1.99 -1.50
N THR B 226 17.69 3.09 -1.47
CA THR B 226 18.61 3.49 -0.37
C THR B 226 17.81 3.69 0.93
N ASN B 227 16.65 4.33 0.86
CA ASN B 227 15.82 4.65 2.06
C ASN B 227 15.36 3.32 2.67
N LEU B 228 14.90 2.39 1.83
CA LEU B 228 14.45 1.03 2.25
C LEU B 228 15.63 0.33 2.93
N ILE B 229 16.78 0.31 2.26
CA ILE B 229 17.98 -0.41 2.81
C ILE B 229 18.37 0.22 4.15
N GLY B 230 18.27 1.56 4.26
CA GLY B 230 18.56 2.27 5.52
C GLY B 230 17.62 1.83 6.63
N GLU B 231 16.34 1.63 6.32
CA GLU B 231 15.37 1.07 7.30
C GLU B 231 15.73 -0.36 7.69
N PHE B 232 16.16 -1.19 6.72
CA PHE B 232 16.56 -2.58 7.01
C PHE B 232 17.70 -2.58 8.02
N GLU B 233 18.70 -1.73 7.76
CA GLU B 233 19.88 -1.59 8.66
C GLU B 233 19.45 -1.12 10.06
N ARG B 234 18.53 -0.18 10.17
CA ARG B 234 18.04 0.31 11.50
CA ARG B 234 18.04 0.31 11.50
C ARG B 234 17.29 -0.83 12.19
N TYR B 235 16.53 -1.63 11.44
CA TYR B 235 15.74 -2.74 12.00
C TYR B 235 16.72 -3.72 12.68
N VAL B 236 17.72 -4.18 11.94
CA VAL B 236 18.74 -5.12 12.48
C VAL B 236 19.24 -4.59 13.83
N LYS B 237 19.65 -3.32 13.86
CA LYS B 237 20.25 -2.68 15.05
C LYS B 237 19.26 -2.67 16.21
N ALA B 238 17.95 -2.48 15.93
CA ALA B 238 16.91 -2.41 16.97
C ALA B 238 16.38 -3.82 17.32
N HIS B 239 16.76 -4.87 16.61
CA HIS B 239 16.20 -6.24 16.81
C HIS B 239 17.33 -7.27 16.82
N ARG B 240 18.43 -6.96 17.49
CA ARG B 240 19.72 -7.69 17.31
C ARG B 240 19.60 -9.13 17.84
N SER B 241 18.64 -9.43 18.70
CA SER B 241 18.45 -10.81 19.24
C SER B 241 17.54 -11.63 18.34
N GLU B 242 16.70 -11.00 17.51
CA GLU B 242 15.61 -11.72 16.78
C GLU B 242 16.22 -12.42 15.55
N LYS B 243 17.26 -13.21 15.77
CA LYS B 243 17.92 -14.00 14.70
C LYS B 243 16.93 -15.02 14.12
N ALA B 244 17.17 -15.43 12.89
CA ALA B 244 16.44 -16.55 12.25
C ALA B 244 16.64 -17.83 13.07
N GLN B 245 15.67 -18.74 12.98
CA GLN B 245 15.65 -20.04 13.69
C GLN B 245 15.18 -21.07 12.68
N PRO B 246 16.04 -21.44 11.71
CA PRO B 246 15.69 -22.48 10.77
C PRO B 246 15.81 -23.82 11.53
N THR B 247 15.30 -24.89 10.94
CA THR B 247 15.40 -26.27 11.48
C THR B 247 16.11 -27.14 10.45
N ALA B 248 17.11 -27.91 10.89
CA ALA B 248 17.80 -28.93 10.07
C ALA B 248 16.74 -29.87 9.46
N ALA B 249 16.95 -30.32 8.21
CA ALA B 249 16.07 -31.25 7.49
C ALA B 249 16.08 -32.63 8.18
FE FE2 C . -12.20 8.23 10.37
N TYR D . -13.06 7.38 8.68
CA TYR D . -12.18 6.34 8.19
C TYR D . -11.15 5.92 9.25
O TYR D . -10.47 4.91 9.01
CB TYR D . -11.50 6.84 6.92
CG TYR D . -12.38 6.91 5.70
CD1 TYR D . -13.02 5.76 5.23
CD2 TYR D . -12.58 8.08 5.01
CE1 TYR D . -13.77 5.76 4.07
CE2 TYR D . -13.36 8.11 3.85
CZ TYR D . -13.95 6.95 3.39
OH TYR D . -14.74 6.97 2.27
OXT TYR D . -10.99 6.54 10.34
NI NI E . -12.11 17.34 9.40
NI NI F . -1.29 11.72 -13.50
NI NI G . -12.22 -16.69 4.64
FE FE2 H . 11.97 -11.50 -7.76
N TYR I . 13.05 -9.78 -6.79
CA TYR I . 12.10 -9.20 -5.76
C TYR I . 10.90 -10.10 -5.45
O TYR I . 10.59 -11.14 -6.11
CB TYR I . 11.58 -7.85 -6.25
CG TYR I . 12.55 -6.70 -6.20
CD1 TYR I . 13.09 -6.25 -5.01
CD2 TYR I . 12.85 -6.02 -7.36
CE1 TYR I . 13.94 -5.16 -4.98
CE2 TYR I . 13.66 -4.90 -7.33
CZ TYR I . 14.20 -4.46 -6.14
OH TYR I . 15.04 -3.40 -6.15
OXT TYR I . 10.17 -9.80 -4.47
NI NI J . 12.48 -10.49 -16.89
NI NI K . 10.05 -4.23 16.42
#